data_7TM4
#
_entry.id   7TM4
#
_cell.length_a   43.709
_cell.length_b   43.709
_cell.length_c   171.067
_cell.angle_alpha   90.000
_cell.angle_beta   90.000
_cell.angle_gamma   120.000
#
_symmetry.space_group_name_H-M   'P 32'
#
loop_
_entity.id
_entity.type
_entity.pdbx_description
1 polymer '3-phosphoshikimate 1-carboxyvinyltransferase'
2 non-polymer 'NITRATE ION'
3 water water
#
_entity_poly.entity_id   1
_entity_poly.type   'polypeptide(L)'
_entity_poly.pdbx_seq_one_letter_code
;MAHHHHHHMESLTLQPIARVEGTVNLPGSKSVSNRALLLAALARGTTVLTNLLDSDDVRHMLNALSALGVQYTLSADRTR
CEVTGNGGPLRSAAALELFLGNAGTAMRPLAAALCLGSNDIVLTGEPRMKERPIGHLVDALRQGGAQIDCLEQENYPPLR
LRGGFQGGNVEVDGSVSSQFLTALLMTAPLAPQDTVIVIKGDLVSKPYIDITLHLMKTFGVEVDNQSYQRFVVRGKQQYQ
SPGDYLVEGDASSASYFLAAGAIKGGTVKVTGIGRNSVQGDIRFADVLEKMGATVTWGDDFIACTHGELKAVDMDMNHIP
DAAMTIATAALFAQGTTTLRNIYNWRVKETDRLFAMATELRKVGAEVEEGEDYIRITPPAKLKYAEIGTYNDHRMAMCFS
LVALSDTPVTILDPKCTAKTFPDYFEQLARISTLA
;
_entity_poly.pdbx_strand_id   A
#
# COMPACT_ATOMS: atom_id res chain seq x y z
N GLU A 10 -20.35 15.08 9.04
CA GLU A 10 -19.88 13.70 9.11
C GLU A 10 -18.44 13.63 9.63
N SER A 11 -18.28 13.70 10.94
CA SER A 11 -16.96 13.61 11.57
C SER A 11 -16.98 12.53 12.63
N LEU A 12 -15.81 12.20 13.15
CA LEU A 12 -15.73 11.30 14.28
C LEU A 12 -14.94 11.99 15.39
N THR A 13 -15.60 12.24 16.51
CA THR A 13 -14.93 12.79 17.68
C THR A 13 -14.39 11.64 18.53
N LEU A 14 -13.09 11.70 18.79
CA LEU A 14 -12.38 10.72 19.59
C LEU A 14 -12.29 11.27 21.01
N GLN A 15 -12.89 10.55 21.94
CA GLN A 15 -12.85 10.91 23.34
C GLN A 15 -11.50 10.52 23.94
N PRO A 16 -11.07 11.23 24.98
CA PRO A 16 -9.75 10.97 25.55
C PRO A 16 -9.62 9.55 26.10
N ILE A 17 -8.45 8.97 25.84
CA ILE A 17 -8.15 7.58 26.15
C ILE A 17 -7.16 7.57 27.31
N ALA A 18 -7.52 6.87 28.39
CA ALA A 18 -6.60 6.73 29.51
C ALA A 18 -5.42 5.85 29.14
N ARG A 19 -5.66 4.75 28.42
CA ARG A 19 -4.66 3.70 28.27
C ARG A 19 -5.13 2.67 27.26
N VAL A 20 -4.17 2.15 26.50
CA VAL A 20 -4.51 1.15 25.44
C VAL A 20 -3.62 -0.07 25.64
N GLU A 21 -4.15 -1.25 25.33
CA GLU A 21 -3.35 -2.49 25.42
C GLU A 21 -4.15 -3.58 24.71
N GLY A 22 -3.49 -4.36 23.85
CA GLY A 22 -4.21 -5.48 23.23
C GLY A 22 -3.65 -5.88 21.89
N THR A 23 -4.45 -6.59 21.09
CA THR A 23 -3.99 -7.10 19.81
C THR A 23 -4.89 -6.61 18.71
N VAL A 24 -4.27 -6.25 17.59
CA VAL A 24 -4.93 -5.72 16.39
C VAL A 24 -4.45 -6.54 15.20
N ASN A 25 -5.37 -7.22 14.52
CA ASN A 25 -5.05 -7.94 13.28
C ASN A 25 -5.20 -6.99 12.08
N LEU A 26 -4.11 -6.75 11.38
CA LEU A 26 -4.20 -5.90 10.19
C LEU A 26 -4.93 -6.63 9.08
N PRO A 27 -5.90 -6.00 8.41
CA PRO A 27 -6.44 -6.57 7.19
C PRO A 27 -5.36 -6.56 6.12
N GLY A 28 -5.60 -7.29 5.05
CA GLY A 28 -4.62 -7.39 3.99
C GLY A 28 -4.30 -6.04 3.37
N SER A 29 -3.06 -5.90 2.94
CA SER A 29 -2.69 -4.84 2.04
C SER A 29 -3.51 -4.91 0.77
N LYS A 30 -3.98 -3.76 0.29
CA LYS A 30 -4.61 -3.72 -1.01
C LYS A 30 -3.61 -4.13 -2.09
N SER A 31 -2.39 -3.59 -1.99
CA SER A 31 -1.30 -3.93 -2.91
C SER A 31 -1.09 -5.44 -2.97
N VAL A 32 -0.75 -6.03 -1.82
CA VAL A 32 -0.52 -7.47 -1.78
C VAL A 32 -1.77 -8.20 -2.23
N SER A 33 -2.95 -7.73 -1.82
CA SER A 33 -4.17 -8.47 -2.11
C SER A 33 -4.40 -8.57 -3.62
N ASN A 34 -4.27 -7.45 -4.33
CA ASN A 34 -4.52 -7.52 -5.77
C ASN A 34 -3.41 -8.28 -6.51
N ARG A 35 -2.15 -8.08 -6.10
CA ARG A 35 -1.06 -8.84 -6.70
C ARG A 35 -1.26 -10.35 -6.54
N ALA A 36 -1.63 -10.78 -5.33
CA ALA A 36 -1.79 -12.20 -5.04
C ALA A 36 -3.01 -12.78 -5.76
N LEU A 37 -4.10 -12.04 -5.82
CA LEU A 37 -5.25 -12.50 -6.58
C LEU A 37 -4.88 -12.73 -8.04
N LEU A 38 -4.12 -11.79 -8.63
CA LEU A 38 -3.71 -11.96 -10.02
C LEU A 38 -2.80 -13.16 -10.20
N LEU A 39 -1.79 -13.31 -9.34
CA LEU A 39 -0.88 -14.44 -9.50
C LEU A 39 -1.60 -15.78 -9.27
N ALA A 40 -2.50 -15.86 -8.30
CA ALA A 40 -3.31 -17.06 -8.14
C ALA A 40 -4.22 -17.30 -9.36
N ALA A 41 -4.67 -16.23 -10.00
CA ALA A 41 -5.50 -16.39 -11.18
C ALA A 41 -4.70 -16.93 -12.35
N LEU A 42 -3.42 -16.60 -12.41
CA LEU A 42 -2.56 -17.08 -13.49
C LEU A 42 -1.94 -18.42 -13.19
N ALA A 43 -1.93 -18.85 -11.93
CA ALA A 43 -1.09 -19.94 -11.50
C ALA A 43 -1.71 -21.32 -11.80
N ARG A 44 -0.84 -22.30 -11.95
CA ARG A 44 -1.22 -23.72 -11.88
C ARG A 44 -1.60 -24.08 -10.46
N GLY A 45 -2.81 -24.58 -10.28
CA GLY A 45 -3.29 -25.04 -8.98
C GLY A 45 -4.28 -24.08 -8.35
N THR A 46 -4.71 -24.46 -7.15
CA THR A 46 -5.68 -23.72 -6.35
C THR A 46 -4.96 -23.04 -5.20
N THR A 47 -5.05 -21.72 -5.16
CA THR A 47 -4.41 -20.96 -4.10
C THR A 47 -5.47 -20.55 -3.10
N VAL A 48 -5.20 -20.75 -1.82
CA VAL A 48 -6.07 -20.25 -0.75
C VAL A 48 -5.43 -18.98 -0.18
N LEU A 49 -6.13 -17.86 -0.33
CA LEU A 49 -5.68 -16.56 0.15
C LEU A 49 -6.37 -16.27 1.47
N THR A 50 -5.58 -16.04 2.51
CA THR A 50 -6.05 -15.71 3.85
C THR A 50 -5.66 -14.27 4.16
N ASN A 51 -6.53 -13.57 4.90
CA ASN A 51 -6.33 -12.18 5.30
C ASN A 51 -6.49 -11.23 4.11
N LEU A 52 -7.28 -11.64 3.13
CA LEU A 52 -7.55 -10.81 1.96
C LEU A 52 -8.31 -9.54 2.37
N LEU A 53 -7.92 -8.43 1.76
CA LEU A 53 -8.61 -7.17 2.03
C LEU A 53 -9.98 -7.15 1.38
N ASP A 54 -11.01 -6.79 2.15
CA ASP A 54 -12.33 -6.52 1.60
C ASP A 54 -12.49 -5.01 1.48
N SER A 55 -12.11 -4.49 0.32
CA SER A 55 -12.31 -3.11 -0.07
C SER A 55 -12.94 -3.12 -1.44
N ASP A 56 -13.48 -1.99 -1.87
CA ASP A 56 -14.18 -2.05 -3.15
C ASP A 56 -13.19 -2.12 -4.31
N ASP A 57 -11.95 -1.67 -4.11
CA ASP A 57 -10.93 -1.89 -5.13
C ASP A 57 -10.67 -3.39 -5.32
N VAL A 58 -10.53 -4.12 -4.21
CA VAL A 58 -10.36 -5.56 -4.29
C VAL A 58 -11.61 -6.19 -4.88
N ARG A 59 -12.78 -5.61 -4.61
CA ARG A 59 -13.98 -6.13 -5.24
C ARG A 59 -13.91 -5.99 -6.75
N HIS A 60 -13.46 -4.84 -7.25
CA HIS A 60 -13.35 -4.67 -8.70
C HIS A 60 -12.36 -5.66 -9.28
N MET A 61 -11.30 -5.95 -8.54
CA MET A 61 -10.33 -6.96 -9.00
C MET A 61 -10.98 -8.34 -9.11
N LEU A 62 -11.73 -8.72 -8.09
CA LEU A 62 -12.45 -10.00 -8.13
C LEU A 62 -13.48 -10.03 -9.26
N ASN A 63 -14.24 -8.94 -9.44
CA ASN A 63 -15.27 -8.91 -10.48
C ASN A 63 -14.64 -8.99 -11.86
N ALA A 64 -13.51 -8.33 -12.06
CA ALA A 64 -12.79 -8.44 -13.31
C ALA A 64 -12.31 -9.87 -13.56
N LEU A 65 -11.65 -10.47 -12.57
CA LEU A 65 -11.16 -11.84 -12.73
C LEU A 65 -12.30 -12.81 -13.04
N SER A 66 -13.44 -12.65 -12.36
CA SER A 66 -14.61 -13.48 -12.62
C SER A 66 -15.13 -13.29 -14.03
N ALA A 67 -15.16 -12.04 -14.50
CA ALA A 67 -15.53 -11.78 -15.89
C ALA A 67 -14.54 -12.40 -16.87
N LEU A 68 -13.33 -12.67 -16.42
CA LEU A 68 -12.30 -13.26 -17.25
C LEU A 68 -12.38 -14.78 -17.23
N GLY A 69 -13.36 -15.33 -16.51
CA GLY A 69 -13.52 -16.76 -16.35
C GLY A 69 -12.84 -17.39 -15.17
N VAL A 70 -12.11 -16.62 -14.36
CA VAL A 70 -11.44 -17.16 -13.18
C VAL A 70 -12.46 -17.57 -12.12
N GLN A 71 -12.37 -18.83 -11.68
CA GLN A 71 -13.29 -19.34 -10.69
C GLN A 71 -12.63 -19.26 -9.31
N TYR A 72 -13.42 -18.82 -8.33
CA TYR A 72 -12.97 -18.71 -6.95
C TYR A 72 -14.19 -18.77 -6.04
N THR A 73 -13.92 -19.00 -4.77
CA THR A 73 -14.96 -18.90 -3.75
C THR A 73 -14.48 -18.03 -2.61
N LEU A 74 -15.31 -17.06 -2.22
CA LEU A 74 -15.07 -16.21 -1.07
C LEU A 74 -15.73 -16.73 0.21
N SER A 75 -15.17 -16.32 1.33
CA SER A 75 -15.77 -16.48 2.63
C SER A 75 -16.90 -15.48 2.80
N ALA A 76 -17.70 -15.69 3.85
CA ALA A 76 -18.80 -14.78 4.14
C ALA A 76 -18.29 -13.36 4.34
N ASP A 77 -17.18 -13.21 5.06
CA ASP A 77 -16.66 -11.87 5.32
C ASP A 77 -15.73 -11.39 4.21
N ARG A 78 -15.52 -12.19 3.16
CA ARG A 78 -14.79 -11.85 1.96
C ARG A 78 -13.29 -11.68 2.19
N THR A 79 -12.76 -12.18 3.32
CA THR A 79 -11.33 -12.08 3.61
C THR A 79 -10.59 -13.38 3.34
N ARG A 80 -11.31 -14.44 2.99
CA ARG A 80 -10.72 -15.71 2.60
C ARG A 80 -11.21 -16.05 1.20
N CYS A 81 -10.30 -16.45 0.31
CA CYS A 81 -10.65 -16.66 -1.09
C CYS A 81 -9.86 -17.83 -1.64
N GLU A 82 -10.51 -18.84 -2.21
CA GLU A 82 -9.75 -19.89 -2.86
C GLU A 82 -9.95 -19.78 -4.36
N VAL A 83 -8.84 -19.76 -5.08
CA VAL A 83 -8.78 -19.44 -6.50
C VAL A 83 -8.35 -20.70 -7.24
N THR A 84 -9.09 -21.04 -8.28
CA THR A 84 -8.68 -22.10 -9.19
C THR A 84 -7.91 -21.43 -10.33
N GLY A 85 -6.59 -21.64 -10.36
CA GLY A 85 -5.75 -20.86 -11.25
C GLY A 85 -5.87 -21.31 -12.70
N ASN A 86 -5.78 -20.33 -13.60
CA ASN A 86 -5.91 -20.60 -15.02
C ASN A 86 -4.73 -21.40 -15.53
N GLY A 87 -3.62 -21.40 -14.81
CA GLY A 87 -2.44 -22.07 -15.33
C GLY A 87 -1.92 -21.46 -16.60
N GLY A 88 -2.20 -20.18 -16.82
CA GLY A 88 -1.74 -19.50 -18.01
C GLY A 88 -2.43 -18.17 -18.17
N PRO A 89 -2.13 -17.50 -19.29
CA PRO A 89 -2.79 -16.23 -19.57
C PRO A 89 -4.30 -16.34 -19.64
N LEU A 90 -4.96 -15.32 -19.10
CA LEU A 90 -6.40 -15.26 -19.06
C LEU A 90 -6.97 -15.07 -20.45
N ARG A 91 -8.02 -15.85 -20.75
CA ARG A 91 -8.62 -15.97 -22.07
C ARG A 91 -10.06 -15.50 -21.99
N SER A 92 -10.48 -14.69 -22.96
CA SER A 92 -11.88 -14.30 -23.04
C SER A 92 -12.34 -14.33 -24.49
N ALA A 93 -13.29 -15.21 -24.79
CA ALA A 93 -13.76 -15.38 -26.15
C ALA A 93 -14.68 -14.23 -26.58
N ALA A 94 -15.35 -13.60 -25.65
CA ALA A 94 -16.08 -12.38 -25.95
C ALA A 94 -15.20 -11.16 -25.67
N ALA A 95 -15.44 -10.10 -26.42
CA ALA A 95 -14.90 -8.80 -26.04
C ALA A 95 -15.46 -8.42 -24.68
N LEU A 96 -14.64 -7.78 -23.85
CA LEU A 96 -15.07 -7.33 -22.54
C LEU A 96 -14.82 -5.84 -22.38
N GLU A 97 -15.54 -5.25 -21.42
CA GLU A 97 -15.26 -3.90 -20.92
C GLU A 97 -15.36 -3.95 -19.39
N LEU A 98 -14.24 -3.76 -18.70
CA LEU A 98 -14.16 -3.95 -17.26
C LEU A 98 -14.01 -2.59 -16.58
N PHE A 99 -14.94 -2.29 -15.67
CA PHE A 99 -14.92 -1.07 -14.85
C PHE A 99 -14.18 -1.39 -13.55
N LEU A 100 -13.07 -0.69 -13.31
CA LEU A 100 -12.24 -0.95 -12.15
C LEU A 100 -12.43 0.08 -11.06
N GLY A 101 -13.54 0.80 -11.08
CA GLY A 101 -13.79 1.85 -10.12
C GLY A 101 -12.62 2.80 -10.04
N ASN A 102 -11.96 2.81 -8.89
CA ASN A 102 -10.84 3.72 -8.65
C ASN A 102 -9.60 2.94 -8.24
N ALA A 103 -9.55 1.65 -8.59
CA ALA A 103 -8.50 0.71 -8.19
C ALA A 103 -7.36 0.73 -9.21
N GLY A 104 -6.42 1.65 -9.01
CA GLY A 104 -5.19 1.61 -9.77
C GLY A 104 -4.33 0.40 -9.48
N THR A 105 -4.33 -0.07 -8.23
CA THR A 105 -3.58 -1.29 -7.91
C THR A 105 -4.24 -2.52 -8.53
N ALA A 106 -5.40 -2.36 -9.15
CA ALA A 106 -5.98 -3.33 -10.05
C ALA A 106 -5.73 -2.96 -11.51
N MET A 107 -5.96 -1.70 -11.89
CA MET A 107 -5.76 -1.25 -13.26
C MET A 107 -4.38 -1.62 -13.78
N ARG A 108 -3.33 -1.30 -13.03
CA ARG A 108 -1.98 -1.48 -13.56
C ARG A 108 -1.66 -2.96 -13.77
N PRO A 109 -1.76 -3.83 -12.74
CA PRO A 109 -1.46 -5.24 -12.96
C PRO A 109 -2.29 -5.89 -14.05
N LEU A 110 -3.59 -5.56 -14.13
CA LEU A 110 -4.43 -6.13 -15.16
C LEU A 110 -4.11 -5.57 -16.53
N ALA A 111 -3.81 -4.28 -16.63
CA ALA A 111 -3.37 -3.71 -17.90
C ALA A 111 -2.20 -4.51 -18.47
N ALA A 112 -1.18 -4.76 -17.65
CA ALA A 112 -0.07 -5.56 -18.13
C ALA A 112 -0.52 -6.98 -18.48
N ALA A 113 -1.17 -7.67 -17.54
CA ALA A 113 -1.43 -9.10 -17.72
C ALA A 113 -2.33 -9.37 -18.92
N LEU A 114 -3.23 -8.46 -19.25
CA LEU A 114 -4.15 -8.65 -20.36
C LEU A 114 -3.56 -8.24 -21.70
N CYS A 115 -2.26 -7.95 -21.75
CA CYS A 115 -1.51 -7.90 -22.98
C CYS A 115 -1.01 -9.27 -23.40
N LEU A 116 -1.19 -10.26 -22.55
CA LEU A 116 -0.98 -11.66 -22.91
C LEU A 116 -2.20 -12.18 -23.65
N GLY A 117 -1.96 -13.10 -24.57
CA GLY A 117 -3.05 -13.68 -25.33
C GLY A 117 -3.50 -12.84 -26.51
N SER A 118 -4.71 -13.14 -26.96
CA SER A 118 -5.33 -12.53 -28.14
C SER A 118 -6.76 -12.12 -27.83
N ASN A 119 -6.94 -11.37 -26.75
CA ASN A 119 -8.24 -10.93 -26.29
C ASN A 119 -8.60 -9.58 -26.91
N ASP A 120 -9.77 -9.08 -26.54
CA ASP A 120 -10.17 -7.72 -26.89
C ASP A 120 -10.97 -7.19 -25.70
N ILE A 121 -10.26 -6.50 -24.82
CA ILE A 121 -10.80 -6.08 -23.52
CA ILE A 121 -10.80 -6.08 -23.52
C ILE A 121 -10.49 -4.61 -23.30
N VAL A 122 -11.48 -3.84 -22.92
CA VAL A 122 -11.30 -2.45 -22.51
C VAL A 122 -11.22 -2.40 -20.98
N LEU A 123 -10.22 -1.68 -20.46
CA LEU A 123 -10.14 -1.34 -19.04
C LEU A 123 -10.47 0.14 -18.84
N THR A 124 -11.36 0.40 -17.89
CA THR A 124 -11.76 1.76 -17.60
C THR A 124 -12.10 1.87 -16.12
N GLY A 125 -12.40 3.07 -15.69
CA GLY A 125 -12.84 3.25 -14.32
C GLY A 125 -13.44 4.62 -14.14
N GLU A 126 -13.35 5.12 -12.93
CA GLU A 126 -13.89 6.39 -12.55
C GLU A 126 -13.04 7.53 -13.09
N PRO A 127 -13.60 8.75 -13.16
CA PRO A 127 -12.82 9.89 -13.63
C PRO A 127 -11.53 10.12 -12.86
N ARG A 128 -11.50 9.85 -11.55
CA ARG A 128 -10.27 10.01 -10.80
C ARG A 128 -9.17 9.09 -11.34
N MET A 129 -9.52 7.85 -11.68
CA MET A 129 -8.52 6.94 -12.22
C MET A 129 -8.15 7.29 -13.66
N LYS A 130 -9.14 7.69 -14.47
CA LYS A 130 -8.86 8.14 -15.84
C LYS A 130 -7.95 9.36 -15.85
N GLU A 131 -7.68 9.93 -14.69
CA GLU A 131 -6.74 11.03 -14.47
C GLU A 131 -5.41 10.55 -13.91
N ARG A 132 -5.29 9.27 -13.54
CA ARG A 132 -4.05 8.69 -13.06
C ARG A 132 -3.21 8.26 -14.27
N PRO A 133 -2.00 8.78 -14.46
CA PRO A 133 -1.22 8.41 -15.65
C PRO A 133 -0.84 6.93 -15.66
N ILE A 134 -0.85 6.35 -16.87
CA ILE A 134 -0.45 4.96 -17.01
C ILE A 134 0.43 4.79 -18.24
N GLY A 135 0.82 5.91 -18.87
CA GLY A 135 1.59 5.86 -20.10
C GLY A 135 2.96 5.22 -19.96
N HIS A 136 3.61 5.39 -18.81
CA HIS A 136 4.90 4.73 -18.58
C HIS A 136 4.78 3.22 -18.65
N LEU A 137 3.63 2.67 -18.29
CA LEU A 137 3.39 1.24 -18.44
C LEU A 137 3.01 0.87 -19.88
N VAL A 138 2.16 1.69 -20.50
CA VAL A 138 1.69 1.44 -21.87
C VAL A 138 2.87 1.43 -22.85
N ASP A 139 3.78 2.39 -22.70
CA ASP A 139 4.96 2.44 -23.55
C ASP A 139 5.74 1.13 -23.49
N ALA A 140 6.04 0.67 -22.29
CA ALA A 140 6.83 -0.55 -22.14
C ALA A 140 6.11 -1.73 -22.74
N LEU A 141 4.80 -1.83 -22.51
CA LEU A 141 4.03 -2.96 -23.03
C LEU A 141 3.98 -2.96 -24.57
N ARG A 142 3.73 -1.80 -25.17
CA ARG A 142 3.78 -1.67 -26.63
C ARG A 142 5.18 -1.95 -27.17
N GLN A 143 6.20 -1.69 -26.36
CA GLN A 143 7.58 -1.92 -26.79
C GLN A 143 7.88 -3.41 -26.89
N GLY A 144 7.29 -4.20 -26.03
CA GLY A 144 7.34 -5.64 -26.10
C GLY A 144 6.25 -6.25 -26.93
N GLY A 145 5.47 -5.44 -27.64
CA GLY A 145 4.59 -5.93 -28.67
C GLY A 145 3.10 -5.89 -28.38
N ALA A 146 2.68 -5.46 -27.19
CA ALA A 146 1.26 -5.37 -26.89
C ALA A 146 0.57 -4.33 -27.78
N GLN A 147 -0.63 -4.69 -28.26
CA GLN A 147 -1.49 -3.75 -28.98
C GLN A 147 -2.39 -3.04 -27.98
N ILE A 148 -2.16 -1.75 -27.76
CA ILE A 148 -2.88 -0.98 -26.75
C ILE A 148 -3.35 0.31 -27.38
N ASP A 149 -4.65 0.57 -27.29
CA ASP A 149 -5.27 1.74 -27.90
C ASP A 149 -5.84 2.61 -26.78
N CYS A 150 -5.35 3.84 -26.69
CA CYS A 150 -5.84 4.78 -25.67
C CYS A 150 -7.04 5.52 -26.23
N LEU A 151 -8.23 5.17 -25.73
CA LEU A 151 -9.49 5.48 -26.41
C LEU A 151 -9.85 6.95 -26.31
N GLU A 152 -9.36 7.65 -25.30
CA GLU A 152 -9.56 9.07 -25.19
C GLU A 152 -8.27 9.84 -25.40
N GLN A 153 -7.23 9.51 -24.65
CA GLN A 153 -5.99 10.27 -24.67
C GLN A 153 -4.82 9.38 -24.30
N GLU A 154 -3.66 9.64 -24.89
CA GLU A 154 -2.49 8.86 -24.53
C GLU A 154 -2.16 9.10 -23.07
N ASN A 155 -1.50 8.11 -22.43
CA ASN A 155 -1.02 8.23 -21.03
C ASN A 155 -2.12 7.91 -20.00
N TYR A 156 -3.36 7.70 -20.44
CA TYR A 156 -4.42 7.48 -19.42
C TYR A 156 -5.51 6.54 -19.92
N PRO A 157 -6.19 5.79 -19.03
CA PRO A 157 -7.36 5.01 -19.42
C PRO A 157 -8.43 5.92 -20.00
N PRO A 158 -9.42 5.37 -20.73
CA PRO A 158 -9.68 3.96 -21.00
C PRO A 158 -8.68 3.35 -21.99
N LEU A 159 -8.48 2.05 -21.88
CA LEU A 159 -7.49 1.30 -22.66
C LEU A 159 -8.16 0.14 -23.36
N ARG A 160 -7.96 0.01 -24.67
CA ARG A 160 -8.34 -1.20 -25.40
C ARG A 160 -7.12 -2.09 -25.55
N LEU A 161 -7.27 -3.34 -25.11
CA LEU A 161 -6.18 -4.29 -24.95
C LEU A 161 -6.49 -5.46 -25.86
N ARG A 162 -5.73 -5.56 -26.95
CA ARG A 162 -5.85 -6.66 -27.87
C ARG A 162 -4.63 -7.58 -27.82
N GLY A 163 -3.89 -7.53 -26.72
CA GLY A 163 -2.83 -8.47 -26.45
C GLY A 163 -1.65 -8.36 -27.40
N GLY A 164 -0.87 -9.42 -27.43
CA GLY A 164 0.29 -9.51 -28.28
C GLY A 164 1.63 -9.30 -27.61
N PHE A 165 1.70 -9.40 -26.29
CA PHE A 165 2.94 -9.12 -25.60
C PHE A 165 3.95 -10.23 -25.86
N GLN A 166 5.11 -9.87 -26.43
CA GLN A 166 6.12 -10.84 -26.83
C GLN A 166 7.16 -11.10 -25.75
N GLY A 167 7.55 -10.06 -25.03
CA GLY A 167 8.78 -10.08 -24.26
C GLY A 167 9.84 -9.21 -24.92
N GLY A 168 11.11 -9.57 -24.78
CA GLY A 168 12.16 -8.87 -25.48
C GLY A 168 12.76 -7.74 -24.67
N ASN A 169 13.40 -6.81 -25.39
CA ASN A 169 14.06 -5.66 -24.78
C ASN A 169 13.07 -4.52 -24.61
N VAL A 170 12.74 -4.17 -23.38
CA VAL A 170 11.83 -3.06 -23.11
C VAL A 170 12.46 -2.17 -22.05
N GLU A 171 11.94 -0.93 -21.98
CA GLU A 171 12.31 0.04 -20.97
C GLU A 171 11.07 0.57 -20.26
N VAL A 172 11.22 0.87 -18.98
CA VAL A 172 10.15 1.52 -18.23
C VAL A 172 10.72 2.64 -17.39
N ASP A 173 9.95 3.72 -17.27
CA ASP A 173 10.32 4.83 -16.43
C ASP A 173 9.97 4.49 -15.00
N GLY A 174 10.99 4.47 -14.15
CA GLY A 174 10.80 4.25 -12.73
C GLY A 174 10.88 5.50 -11.90
N SER A 175 10.90 6.67 -12.54
CA SER A 175 11.14 7.91 -11.82
C SER A 175 9.88 8.43 -11.15
N VAL A 176 8.70 8.08 -11.66
CA VAL A 176 7.45 8.57 -11.12
C VAL A 176 6.80 7.54 -10.20
N SER A 177 6.60 6.33 -10.69
CA SER A 177 5.95 5.26 -9.93
C SER A 177 6.70 3.95 -10.12
N SER A 178 6.72 3.15 -9.06
CA SER A 178 7.21 1.80 -9.21
C SER A 178 6.16 0.83 -9.75
N GLN A 179 4.86 1.20 -9.74
CA GLN A 179 3.81 0.22 -10.01
C GLN A 179 3.75 -0.19 -11.48
N PHE A 180 4.30 0.64 -12.34
CA PHE A 180 4.46 0.31 -13.75
C PHE A 180 5.39 -0.89 -13.91
N LEU A 181 6.58 -0.79 -13.30
CA LEU A 181 7.52 -1.91 -13.28
C LEU A 181 6.91 -3.15 -12.64
N THR A 182 6.15 -2.99 -11.56
CA THR A 182 5.52 -4.14 -10.91
C THR A 182 4.58 -4.88 -11.86
N ALA A 183 3.72 -4.14 -12.55
CA ALA A 183 2.83 -4.77 -13.52
C ALA A 183 3.61 -5.49 -14.61
N LEU A 184 4.65 -4.83 -15.14
CA LEU A 184 5.51 -5.46 -16.15
C LEU A 184 6.11 -6.77 -15.65
N LEU A 185 6.71 -6.74 -14.45
CA LEU A 185 7.37 -7.92 -13.91
C LEU A 185 6.40 -9.08 -13.75
N MET A 186 5.20 -8.81 -13.22
CA MET A 186 4.26 -9.91 -13.05
C MET A 186 3.86 -10.51 -14.39
N THR A 187 3.73 -9.69 -15.43
CA THR A 187 3.34 -10.24 -16.74
C THR A 187 4.48 -10.99 -17.44
N ALA A 188 5.71 -10.49 -17.31
CA ALA A 188 6.81 -10.97 -18.14
C ALA A 188 7.02 -12.48 -18.15
N PRO A 189 6.92 -13.21 -17.04
CA PRO A 189 7.26 -14.65 -17.09
C PRO A 189 6.42 -15.45 -18.07
N LEU A 190 5.21 -15.00 -18.40
CA LEU A 190 4.34 -15.74 -19.30
C LEU A 190 4.54 -15.35 -20.76
N ALA A 191 5.41 -14.38 -21.04
CA ALA A 191 5.75 -14.02 -22.41
C ALA A 191 6.56 -15.15 -23.08
N PRO A 192 6.41 -15.31 -24.39
CA PRO A 192 7.18 -16.32 -25.11
C PRO A 192 8.68 -16.09 -25.12
N GLN A 193 9.10 -14.84 -25.07
CA GLN A 193 10.51 -14.46 -25.10
C GLN A 193 11.00 -14.12 -23.69
N ASP A 194 12.30 -14.24 -23.50
CA ASP A 194 12.90 -13.62 -22.34
C ASP A 194 12.64 -12.12 -22.40
N THR A 195 12.40 -11.50 -21.26
CA THR A 195 12.19 -10.06 -21.18
C THR A 195 13.35 -9.41 -20.42
N VAL A 196 13.89 -8.35 -21.00
CA VAL A 196 14.96 -7.56 -20.42
C VAL A 196 14.39 -6.17 -20.21
N ILE A 197 14.19 -5.78 -18.96
CA ILE A 197 13.52 -4.54 -18.60
C ILE A 197 14.58 -3.59 -18.07
N VAL A 198 14.83 -2.52 -18.80
CA VAL A 198 15.79 -1.49 -18.37
C VAL A 198 15.02 -0.34 -17.74
N ILE A 199 15.48 0.10 -16.57
CA ILE A 199 14.90 1.23 -15.86
C ILE A 199 15.56 2.51 -16.37
N LYS A 200 14.74 3.50 -16.74
CA LYS A 200 15.25 4.73 -17.30
C LYS A 200 16.13 5.51 -16.34
N GLY A 201 15.55 6.04 -15.28
CA GLY A 201 16.33 6.82 -14.36
C GLY A 201 16.60 6.07 -13.07
N ASP A 202 16.44 6.76 -11.94
CA ASP A 202 16.39 6.04 -10.68
C ASP A 202 15.05 5.30 -10.56
N LEU A 203 15.04 4.31 -9.68
CA LEU A 203 13.82 3.58 -9.36
C LEU A 203 13.28 4.07 -8.01
N VAL A 204 12.12 4.73 -8.06
CA VAL A 204 11.40 5.11 -6.86
C VAL A 204 10.77 3.87 -6.20
N SER A 205 10.57 3.95 -4.89
CA SER A 205 9.77 2.98 -4.13
C SER A 205 10.23 1.53 -4.35
N LYS A 206 11.53 1.32 -4.23
CA LYS A 206 12.12 -0.01 -4.37
C LYS A 206 11.53 -1.10 -3.48
N PRO A 207 11.13 -0.85 -2.23
CA PRO A 207 10.51 -1.93 -1.43
C PRO A 207 9.23 -2.51 -1.99
N TYR A 208 8.40 -1.76 -2.70
CA TYR A 208 7.27 -2.38 -3.37
C TYR A 208 7.72 -3.30 -4.48
N ILE A 209 8.84 -2.98 -5.13
CA ILE A 209 9.47 -3.90 -6.06
C ILE A 209 9.89 -5.18 -5.37
N ASP A 210 10.50 -5.04 -4.18
CA ASP A 210 10.85 -6.19 -3.35
C ASP A 210 9.61 -7.04 -3.08
N ILE A 211 8.52 -6.39 -2.70
CA ILE A 211 7.28 -7.10 -2.43
C ILE A 211 6.85 -7.92 -3.64
N THR A 212 6.81 -7.27 -4.80
CA THR A 212 6.35 -7.97 -5.99
C THR A 212 7.26 -9.16 -6.31
N LEU A 213 8.57 -8.95 -6.24
CA LEU A 213 9.50 -10.03 -6.57
C LEU A 213 9.32 -11.22 -5.63
N HIS A 214 9.09 -10.91 -4.35
CA HIS A 214 8.92 -11.98 -3.33
C HIS A 214 7.64 -12.76 -3.63
N LEU A 215 6.51 -12.06 -3.81
CA LEU A 215 5.31 -12.77 -4.25
C LEU A 215 5.57 -13.67 -5.44
N MET A 216 6.27 -13.16 -6.45
CA MET A 216 6.51 -13.96 -7.64
C MET A 216 7.31 -15.20 -7.31
N LYS A 217 8.32 -15.07 -6.46
CA LYS A 217 9.09 -16.24 -6.04
C LYS A 217 8.25 -17.20 -5.21
N THR A 218 7.31 -16.66 -4.43
CA THR A 218 6.39 -17.54 -3.67
C THR A 218 5.59 -18.37 -4.68
N PHE A 219 5.36 -17.81 -5.88
CA PHE A 219 4.58 -18.53 -6.93
C PHE A 219 5.52 -19.31 -7.85
N GLY A 220 6.80 -19.43 -7.49
CA GLY A 220 7.72 -20.29 -8.26
C GLY A 220 8.45 -19.63 -9.41
N VAL A 221 8.64 -18.31 -9.39
CA VAL A 221 9.28 -17.63 -10.52
C VAL A 221 10.38 -16.74 -9.98
N GLU A 222 11.60 -16.96 -10.46
CA GLU A 222 12.78 -16.17 -10.10
C GLU A 222 12.92 -15.02 -11.08
N VAL A 223 13.52 -13.94 -10.60
CA VAL A 223 13.86 -12.81 -11.46
C VAL A 223 15.29 -12.38 -11.14
N ASP A 224 16.05 -12.01 -12.19
CA ASP A 224 17.37 -11.42 -12.01
C ASP A 224 17.22 -9.91 -11.88
N ASN A 225 17.37 -9.41 -10.66
CA ASN A 225 17.35 -7.99 -10.35
C ASN A 225 18.76 -7.44 -10.33
N GLN A 226 19.11 -6.62 -11.33
CA GLN A 226 20.45 -6.06 -11.43
C GLN A 226 20.40 -4.60 -10.98
N SER A 227 20.70 -4.38 -9.69
CA SER A 227 20.86 -3.06 -9.05
C SER A 227 19.64 -2.17 -9.25
N TYR A 228 18.47 -2.81 -9.38
CA TYR A 228 17.19 -2.06 -9.62
C TYR A 228 17.35 -1.23 -10.89
N GLN A 229 18.21 -1.67 -11.80
CA GLN A 229 18.44 -0.95 -13.05
C GLN A 229 18.20 -1.80 -14.29
N ARG A 230 18.29 -3.12 -14.13
CA ARG A 230 17.94 -4.03 -15.26
C ARG A 230 17.35 -5.31 -14.67
N PHE A 231 16.17 -5.71 -15.16
CA PHE A 231 15.51 -6.93 -14.63
C PHE A 231 15.43 -7.97 -15.75
N VAL A 232 15.99 -9.17 -15.49
CA VAL A 232 15.96 -10.25 -16.52
C VAL A 232 14.93 -11.30 -16.10
N VAL A 233 13.91 -11.51 -16.92
CA VAL A 233 12.87 -12.50 -16.64
C VAL A 233 12.91 -13.52 -17.76
N ARG A 234 13.13 -14.78 -17.42
CA ARG A 234 13.00 -15.85 -18.39
C ARG A 234 11.54 -15.99 -18.80
N GLY A 235 11.32 -16.20 -20.09
CA GLY A 235 9.97 -16.38 -20.59
C GLY A 235 9.51 -17.81 -20.48
N LYS A 236 8.32 -18.06 -21.00
CA LYS A 236 7.75 -19.40 -21.15
C LYS A 236 7.35 -20.04 -19.82
N GLN A 237 7.41 -19.32 -18.70
CA GLN A 237 7.23 -19.96 -17.40
C GLN A 237 5.74 -20.09 -17.09
N GLN A 238 5.41 -20.79 -16.01
CA GLN A 238 4.08 -20.67 -15.43
C GLN A 238 4.15 -20.62 -13.92
N TYR A 239 3.31 -19.78 -13.32
CA TYR A 239 3.25 -19.68 -11.87
C TYR A 239 2.68 -20.95 -11.28
N GLN A 240 3.18 -21.32 -10.12
CA GLN A 240 2.71 -22.50 -9.42
C GLN A 240 2.12 -22.05 -8.10
N SER A 241 0.89 -22.45 -7.84
CA SER A 241 0.25 -22.10 -6.58
C SER A 241 1.13 -22.54 -5.41
N PRO A 242 1.29 -21.70 -4.39
CA PRO A 242 1.89 -22.16 -3.15
C PRO A 242 0.93 -22.95 -2.27
N GLY A 243 -0.33 -23.10 -2.69
CA GLY A 243 -1.37 -23.63 -1.83
C GLY A 243 -1.92 -22.51 -0.98
N ASP A 244 -1.61 -22.54 0.32
CA ASP A 244 -1.98 -21.45 1.20
C ASP A 244 -1.14 -20.22 0.88
N TYR A 245 -1.75 -19.03 0.99
CA TYR A 245 -1.00 -17.79 1.01
C TYR A 245 -1.69 -16.80 1.93
N LEU A 246 -0.95 -16.28 2.93
CA LEU A 246 -1.47 -15.27 3.84
C LEU A 246 -1.11 -13.87 3.32
N VAL A 247 -2.13 -13.07 3.03
CA VAL A 247 -1.95 -11.70 2.58
C VAL A 247 -1.49 -10.87 3.76
N GLU A 248 -0.33 -10.27 3.63
CA GLU A 248 0.24 -9.58 4.77
C GLU A 248 -0.43 -8.22 4.84
N GLY A 249 -0.72 -7.77 6.05
CA GLY A 249 -1.27 -6.45 6.21
C GLY A 249 -0.30 -5.36 5.81
N ASP A 250 -0.85 -4.20 5.47
CA ASP A 250 -0.02 -3.06 5.12
C ASP A 250 0.81 -2.63 6.32
N ALA A 251 2.11 -2.45 6.12
CA ALA A 251 3.01 -2.16 7.23
C ALA A 251 2.75 -0.78 7.81
N SER A 252 2.39 0.20 6.98
CA SER A 252 2.13 1.55 7.49
C SER A 252 0.98 1.56 8.49
N SER A 253 -0.03 0.72 8.27
CA SER A 253 -1.18 0.70 9.17
C SER A 253 -0.82 0.21 10.57
N ALA A 254 0.23 -0.60 10.71
CA ALA A 254 0.65 -1.01 12.04
C ALA A 254 1.29 0.12 12.82
N SER A 255 1.81 1.13 12.13
CA SER A 255 2.54 2.21 12.77
C SER A 255 1.68 2.92 13.79
N TYR A 256 0.39 3.08 13.49
CA TYR A 256 -0.47 3.89 14.34
C TYR A 256 -0.72 3.17 15.66
N PHE A 257 -0.91 1.85 15.62
CA PHE A 257 -1.15 1.06 16.82
C PHE A 257 0.13 0.80 17.61
N LEU A 258 1.26 0.62 16.93
CA LEU A 258 2.52 0.53 17.64
C LEU A 258 2.82 1.85 18.36
N ALA A 259 2.58 2.97 17.68
CA ALA A 259 2.72 4.27 18.33
C ALA A 259 1.73 4.43 19.48
N ALA A 260 0.50 3.95 19.31
CA ALA A 260 -0.48 4.00 20.40
C ALA A 260 0.04 3.30 21.65
N GLY A 261 0.62 2.12 21.48
CA GLY A 261 1.22 1.42 22.61
C GLY A 261 2.40 2.17 23.21
N ALA A 262 3.29 2.66 22.36
CA ALA A 262 4.46 3.42 22.82
C ALA A 262 4.03 4.62 23.67
N ILE A 263 2.99 5.31 23.20
CA ILE A 263 2.53 6.55 23.85
C ILE A 263 1.82 6.22 25.15
N LYS A 264 0.80 5.37 25.09
CA LYS A 264 -0.10 5.27 26.21
C LYS A 264 -0.49 3.84 26.49
N GLY A 265 0.40 2.90 26.21
CA GLY A 265 0.23 1.55 26.67
C GLY A 265 0.59 1.44 28.14
N GLY A 266 0.58 0.20 28.65
CA GLY A 266 0.15 -0.98 27.92
C GLY A 266 1.12 -1.54 26.90
N THR A 267 0.70 -2.63 26.28
CA THR A 267 1.37 -3.19 25.12
C THR A 267 0.37 -3.31 23.98
N VAL A 268 0.73 -2.85 22.79
CA VAL A 268 -0.08 -3.06 21.61
C VAL A 268 0.65 -4.00 20.65
N LYS A 269 0.04 -5.13 20.38
CA LYS A 269 0.53 -6.12 19.43
C LYS A 269 -0.27 -6.03 18.13
N VAL A 270 0.43 -5.99 17.00
CA VAL A 270 -0.22 -6.01 15.68
C VAL A 270 0.20 -7.28 14.96
N THR A 271 -0.80 -7.98 14.43
CA THR A 271 -0.63 -9.18 13.63
C THR A 271 -0.93 -8.83 12.17
N GLY A 272 -0.69 -9.78 11.29
CA GLY A 272 -0.75 -9.52 9.86
C GLY A 272 0.52 -8.97 9.27
N ILE A 273 1.58 -8.82 10.07
CA ILE A 273 2.89 -8.29 9.68
C ILE A 273 3.89 -8.98 10.59
N GLY A 274 5.15 -9.03 10.19
CA GLY A 274 6.12 -9.73 11.02
C GLY A 274 7.53 -9.22 10.86
N ARG A 275 8.39 -9.72 11.77
CA ARG A 275 9.81 -9.34 11.80
C ARG A 275 10.47 -9.51 10.43
N ASN A 276 10.09 -10.55 9.71
CA ASN A 276 10.68 -10.83 8.40
C ASN A 276 9.72 -10.44 7.29
N SER A 277 9.39 -9.16 7.20
CA SER A 277 8.59 -8.64 6.11
C SER A 277 9.48 -7.81 5.19
N VAL A 278 9.24 -7.92 3.88
CA VAL A 278 10.00 -7.11 2.92
C VAL A 278 9.41 -5.73 2.72
N GLN A 279 8.32 -5.41 3.41
CA GLN A 279 7.75 -4.10 3.26
C GLN A 279 8.64 -3.11 3.98
N GLY A 280 8.91 -1.96 3.34
CA GLY A 280 9.82 -1.00 3.94
C GLY A 280 9.36 -0.49 5.29
N ASP A 281 8.08 -0.12 5.38
CA ASP A 281 7.66 0.63 6.57
C ASP A 281 7.72 -0.16 7.87
N ILE A 282 8.11 -1.45 7.87
CA ILE A 282 8.33 -2.12 9.15
C ILE A 282 9.44 -1.43 9.93
N ARG A 283 10.38 -0.79 9.21
CA ARG A 283 11.45 -0.08 9.90
C ARG A 283 10.96 1.09 10.77
N PHE A 284 9.72 1.57 10.55
CA PHE A 284 9.07 2.45 11.51
C PHE A 284 9.30 2.04 12.96
N ALA A 285 9.15 0.74 13.24
CA ALA A 285 9.23 0.29 14.62
C ALA A 285 10.57 0.64 15.26
N ASP A 286 11.66 0.56 14.48
CA ASP A 286 12.97 0.86 15.04
C ASP A 286 13.02 2.29 15.57
N VAL A 287 12.32 3.20 14.89
CA VAL A 287 12.24 4.60 15.34
C VAL A 287 11.61 4.69 16.72
N LEU A 288 10.51 3.97 16.95
CA LEU A 288 9.89 4.01 18.27
C LEU A 288 10.86 3.49 19.32
N GLU A 289 11.65 2.47 18.97
CA GLU A 289 12.62 1.94 19.90
C GLU A 289 13.66 3.00 20.26
N LYS A 290 14.00 3.86 19.29
CA LYS A 290 14.94 4.93 19.57
C LYS A 290 14.31 6.04 20.39
N MET A 291 12.99 6.21 20.33
CA MET A 291 12.33 7.25 21.11
C MET A 291 12.14 6.84 22.57
N GLY A 292 12.51 5.62 22.93
CA GLY A 292 12.40 5.14 24.29
C GLY A 292 11.42 4.00 24.47
N ALA A 293 10.71 3.58 23.43
CA ALA A 293 9.71 2.54 23.57
C ALA A 293 10.35 1.17 23.45
N THR A 294 9.65 0.17 23.95
CA THR A 294 10.10 -1.21 23.87
C THR A 294 9.44 -1.88 22.67
N VAL A 295 10.25 -2.38 21.75
CA VAL A 295 9.75 -3.09 20.57
C VAL A 295 10.09 -4.56 20.72
N THR A 296 9.09 -5.41 20.53
CA THR A 296 9.29 -6.86 20.42
C THR A 296 9.03 -7.25 18.98
N TRP A 297 10.00 -7.95 18.39
CA TRP A 297 10.01 -8.33 16.98
C TRP A 297 9.56 -9.78 16.90
N GLY A 298 8.29 -9.98 16.54
CA GLY A 298 7.73 -11.31 16.45
C GLY A 298 7.69 -11.81 15.02
N ASP A 299 7.44 -13.11 14.90
CA ASP A 299 7.50 -13.71 13.59
C ASP A 299 6.33 -13.26 12.72
N ASP A 300 5.12 -13.32 13.24
CA ASP A 300 3.93 -12.92 12.49
C ASP A 300 3.22 -11.79 13.23
N PHE A 301 3.98 -11.01 13.99
CA PHE A 301 3.46 -9.86 14.72
C PHE A 301 4.61 -8.94 15.06
N ILE A 302 4.27 -7.73 15.46
CA ILE A 302 5.20 -6.77 16.06
C ILE A 302 4.48 -6.07 17.21
N ALA A 303 5.16 -5.92 18.35
CA ALA A 303 4.52 -5.29 19.51
C ALA A 303 5.32 -4.09 20.02
N CYS A 304 4.58 -3.12 20.57
CA CYS A 304 5.19 -1.96 21.20
C CYS A 304 4.61 -1.74 22.59
N THR A 305 5.53 -1.66 23.56
CA THR A 305 5.15 -1.39 24.97
C THR A 305 5.62 0.03 25.29
N HIS A 306 4.92 0.73 26.18
CA HIS A 306 5.21 2.11 26.48
C HIS A 306 6.54 2.25 27.22
N GLY A 307 7.40 3.13 26.71
CA GLY A 307 8.45 3.73 27.50
C GLY A 307 8.36 5.24 27.34
N GLU A 308 8.98 5.91 28.31
CA GLU A 308 9.05 7.39 28.27
C GLU A 308 9.56 7.76 26.89
N LEU A 309 8.80 8.59 26.20
CA LEU A 309 9.14 8.96 24.80
C LEU A 309 10.04 10.20 24.75
N LYS A 310 11.18 10.10 24.06
CA LYS A 310 12.06 11.23 23.87
C LYS A 310 12.08 11.57 22.38
N ALA A 311 12.30 12.84 22.09
CA ALA A 311 12.31 13.31 20.71
C ALA A 311 13.54 12.79 19.98
N VAL A 312 13.45 12.76 18.65
CA VAL A 312 14.52 12.25 17.80
C VAL A 312 14.77 13.19 16.62
N ASP A 313 15.96 13.05 16.06
CA ASP A 313 16.35 13.81 14.86
C ASP A 313 16.90 12.79 13.87
N MET A 314 16.16 12.54 12.81
CA MET A 314 16.43 11.41 11.93
C MET A 314 15.98 11.69 10.50
N ASP A 315 16.84 11.33 9.57
CA ASP A 315 16.43 11.15 8.20
C ASP A 315 15.27 10.17 8.14
N MET A 316 14.12 10.62 7.65
CA MET A 316 12.96 9.76 7.47
C MET A 316 12.73 9.43 6.00
N ASN A 317 13.78 9.56 5.18
CA ASN A 317 13.65 9.37 3.74
C ASN A 317 13.08 8.00 3.43
N HIS A 318 13.49 7.01 4.19
CA HIS A 318 13.25 5.61 3.85
C HIS A 318 11.84 5.14 4.19
N ILE A 319 11.12 5.84 5.06
CA ILE A 319 9.78 5.41 5.46
C ILE A 319 8.74 6.54 5.27
N PRO A 320 8.45 6.93 4.03
CA PRO A 320 7.59 8.11 3.82
C PRO A 320 6.19 8.00 4.40
N ASP A 321 5.59 6.81 4.46
CA ASP A 321 4.21 6.75 4.93
C ASP A 321 4.06 6.67 6.44
N ALA A 322 4.93 5.92 7.12
CA ALA A 322 4.89 5.86 8.58
C ALA A 322 5.64 7.02 9.25
N ALA A 323 6.41 7.79 8.48
CA ALA A 323 7.06 8.98 9.06
C ALA A 323 6.01 9.97 9.56
N MET A 324 4.88 10.08 8.85
CA MET A 324 3.77 10.91 9.29
C MET A 324 3.32 10.53 10.69
N THR A 325 3.28 9.22 10.94
CA THR A 325 2.95 8.71 12.26
C THR A 325 3.96 9.18 13.30
N ILE A 326 5.23 9.20 12.92
CA ILE A 326 6.24 9.77 13.84
C ILE A 326 5.96 11.25 14.11
N ALA A 327 5.45 11.96 13.11
CA ALA A 327 5.14 13.38 13.29
C ALA A 327 4.05 13.59 14.34
N THR A 328 3.02 12.75 14.34
CA THR A 328 2.03 12.91 15.41
C THR A 328 2.51 12.34 16.75
N ALA A 329 3.24 11.23 16.75
CA ALA A 329 3.72 10.68 18.01
C ALA A 329 4.70 11.61 18.72
N ALA A 330 5.37 12.50 17.98
CA ALA A 330 6.27 13.47 18.61
C ALA A 330 5.54 14.43 19.55
N LEU A 331 4.22 14.55 19.43
CA LEU A 331 3.47 15.41 20.34
C LEU A 331 3.62 14.96 21.81
N PHE A 332 4.04 13.72 22.02
CA PHE A 332 4.10 13.06 23.32
C PHE A 332 5.52 12.82 23.81
N ALA A 333 6.52 13.01 22.95
CA ALA A 333 7.92 12.84 23.30
C ALA A 333 8.46 14.09 23.95
N GLN A 334 9.43 13.92 24.85
CA GLN A 334 10.16 15.07 25.35
C GLN A 334 11.18 15.54 24.32
N GLY A 335 11.13 16.83 24.01
CA GLY A 335 12.07 17.47 23.13
C GLY A 335 11.47 17.80 21.78
N THR A 336 12.30 18.44 20.97
CA THR A 336 11.90 18.84 19.63
C THR A 336 12.36 17.78 18.64
N THR A 337 11.39 17.18 17.96
CA THR A 337 11.66 16.17 16.95
C THR A 337 11.90 16.84 15.61
N THR A 338 12.85 16.32 14.85
CA THR A 338 13.07 16.78 13.49
C THR A 338 13.07 15.57 12.55
N LEU A 339 12.18 15.61 11.56
CA LEU A 339 12.02 14.56 10.55
C LEU A 339 12.64 15.09 9.26
N ARG A 340 13.75 14.48 8.85
CA ARG A 340 14.62 15.06 7.83
C ARG A 340 14.49 14.31 6.51
N ASN A 341 14.82 15.03 5.44
CA ASN A 341 14.84 14.53 4.07
C ASN A 341 13.51 13.84 3.72
N ILE A 342 12.43 14.58 3.91
CA ILE A 342 11.09 14.10 3.60
C ILE A 342 10.48 14.96 2.50
N TYR A 343 11.32 15.42 1.58
CA TYR A 343 10.79 16.17 0.45
C TYR A 343 9.79 15.36 -0.35
N ASN A 344 9.87 14.03 -0.25
CA ASN A 344 8.84 13.15 -0.80
C ASN A 344 7.45 13.65 -0.49
N TRP A 345 7.24 14.20 0.70
CA TRP A 345 5.89 14.57 1.10
C TRP A 345 5.35 15.71 0.25
N ARG A 346 6.23 16.61 -0.18
CA ARG A 346 5.76 17.69 -1.03
C ARG A 346 5.29 17.17 -2.38
N VAL A 347 6.06 16.25 -2.97
CA VAL A 347 5.73 15.73 -4.31
C VAL A 347 4.88 14.48 -4.08
N LYS A 348 3.60 14.71 -3.83
CA LYS A 348 2.60 13.66 -3.63
C LYS A 348 1.32 14.10 -4.36
N GLU A 349 0.20 13.43 -4.06
CA GLU A 349 -1.09 13.93 -4.54
C GLU A 349 -1.37 15.30 -3.97
N THR A 350 -1.13 15.45 -2.66
CA THR A 350 -1.13 16.73 -1.98
C THR A 350 0.12 16.83 -1.12
N ASP A 351 0.57 18.06 -0.92
CA ASP A 351 1.77 18.34 -0.14
C ASP A 351 1.52 17.96 1.30
N ARG A 352 2.07 16.81 1.70
CA ARG A 352 1.90 16.36 3.08
C ARG A 352 2.66 17.23 4.07
N LEU A 353 3.75 17.84 3.65
CA LEU A 353 4.54 18.63 4.59
C LEU A 353 3.77 19.87 5.05
N PHE A 354 3.23 20.63 4.10
CA PHE A 354 2.31 21.71 4.44
C PHE A 354 1.14 21.22 5.28
N ALA A 355 0.51 20.12 4.86
CA ALA A 355 -0.72 19.65 5.48
C ALA A 355 -0.51 19.24 6.93
N MET A 356 0.52 18.43 7.17
CA MET A 356 0.91 18.01 8.51
C MET A 356 1.29 19.19 9.39
N ALA A 357 2.07 20.15 8.86
CA ALA A 357 2.38 21.35 9.65
C ALA A 357 1.11 22.09 10.05
N THR A 358 0.22 22.30 9.09
CA THR A 358 -1.01 23.05 9.33
C THR A 358 -1.85 22.39 10.40
N GLU A 359 -1.99 21.06 10.34
CA GLU A 359 -2.88 20.41 11.27
C GLU A 359 -2.22 20.17 12.64
N LEU A 360 -0.88 20.04 12.68
CA LEU A 360 -0.17 20.02 13.95
C LEU A 360 -0.28 21.34 14.70
N ARG A 361 -0.25 22.47 14.00
CA ARG A 361 -0.33 23.74 14.73
C ARG A 361 -1.65 23.89 15.45
N LYS A 362 -2.72 23.27 14.93
CA LYS A 362 -4.05 23.42 15.49
C LYS A 362 -4.18 22.76 16.86
N VAL A 363 -3.40 21.70 17.13
CA VAL A 363 -3.46 20.98 18.39
C VAL A 363 -2.43 21.56 19.36
N GLY A 364 -1.83 22.68 19.00
CA GLY A 364 -0.96 23.43 19.89
C GLY A 364 0.50 23.39 19.56
N ALA A 365 0.93 22.59 18.59
CA ALA A 365 2.34 22.37 18.35
C ALA A 365 3.02 23.55 17.65
N GLU A 366 4.31 23.68 17.94
CA GLU A 366 5.19 24.65 17.31
C GLU A 366 5.93 23.97 16.17
N VAL A 367 5.60 24.33 14.93
CA VAL A 367 5.98 23.54 13.77
C VAL A 367 6.83 24.39 12.83
N GLU A 368 8.01 23.89 12.50
CA GLU A 368 8.85 24.42 11.42
C GLU A 368 8.65 23.57 10.16
N GLU A 369 8.42 24.24 9.05
CA GLU A 369 8.18 23.65 7.74
C GLU A 369 9.35 24.00 6.83
N GLY A 370 10.41 23.20 6.90
CA GLY A 370 11.57 23.39 6.05
C GLY A 370 11.33 22.90 4.63
N GLU A 371 12.38 23.01 3.81
CA GLU A 371 12.30 22.60 2.42
C GLU A 371 12.03 21.11 2.30
N ASP A 372 12.72 20.31 3.11
CA ASP A 372 12.58 18.86 3.08
C ASP A 372 12.62 18.25 4.48
N TYR A 373 12.12 18.97 5.47
CA TYR A 373 12.07 18.47 6.83
C TYR A 373 10.92 19.14 7.57
N ILE A 374 10.56 18.56 8.70
CA ILE A 374 9.60 19.18 9.61
C ILE A 374 10.15 19.08 11.03
N ARG A 375 10.08 20.19 11.76
CA ARG A 375 10.51 20.21 13.15
C ARG A 375 9.32 20.50 14.05
N ILE A 376 9.11 19.64 15.04
CA ILE A 376 7.91 19.65 15.87
C ILE A 376 8.34 19.82 17.33
N THR A 377 7.87 20.91 17.97
CA THR A 377 7.96 21.10 19.41
C THR A 377 6.58 20.97 20.00
N PRO A 378 6.33 19.97 20.85
CA PRO A 378 4.97 19.74 21.35
C PRO A 378 4.53 20.85 22.29
N PRO A 379 3.23 21.11 22.39
CA PRO A 379 2.74 22.04 23.40
C PRO A 379 2.78 21.40 24.77
N ALA A 380 2.85 22.26 25.80
CA ALA A 380 2.71 21.78 27.16
C ALA A 380 1.35 21.13 27.39
N LYS A 381 0.35 21.54 26.61
CA LYS A 381 -1.01 21.06 26.74
C LYS A 381 -1.64 20.97 25.36
N LEU A 382 -2.19 19.80 25.00
CA LEU A 382 -2.79 19.64 23.69
C LEU A 382 -4.13 20.37 23.61
N LYS A 383 -4.46 20.83 22.40
CA LYS A 383 -5.68 21.57 22.14
C LYS A 383 -6.66 20.74 21.33
N TYR A 384 -7.95 20.90 21.62
CA TYR A 384 -8.95 20.20 20.79
C TYR A 384 -9.00 20.91 19.44
N ALA A 385 -9.14 20.15 18.36
CA ALA A 385 -9.25 20.76 17.01
C ALA A 385 -9.96 19.82 16.04
N GLU A 386 -10.59 20.37 15.01
CA GLU A 386 -11.17 19.52 13.94
C GLU A 386 -10.06 19.32 12.93
N ILE A 387 -9.57 18.08 12.76
CA ILE A 387 -8.43 17.84 11.89
C ILE A 387 -8.95 17.56 10.49
N GLY A 388 -8.53 18.40 9.53
CA GLY A 388 -8.79 18.09 8.14
C GLY A 388 -7.83 17.03 7.62
N THR A 389 -8.37 16.11 6.83
CA THR A 389 -7.63 14.91 6.49
C THR A 389 -7.20 14.80 5.04
N TYR A 390 -7.70 15.67 4.14
CA TYR A 390 -7.07 15.91 2.84
C TYR A 390 -7.24 14.72 1.89
N ASN A 391 -8.36 14.01 2.02
CA ASN A 391 -8.62 12.72 1.39
C ASN A 391 -7.62 11.64 1.78
N ASP A 392 -6.77 11.92 2.77
CA ASP A 392 -5.65 11.06 3.09
C ASP A 392 -5.99 10.28 4.35
N HIS A 393 -6.19 8.97 4.19
CA HIS A 393 -6.33 8.06 5.32
C HIS A 393 -5.14 8.15 6.28
N ARG A 394 -3.95 8.48 5.76
CA ARG A 394 -2.79 8.65 6.61
C ARG A 394 -3.02 9.75 7.61
N MET A 395 -3.60 10.88 7.18
CA MET A 395 -3.86 11.98 8.07
C MET A 395 -4.81 11.58 9.19
N ALA A 396 -5.92 10.93 8.83
CA ALA A 396 -6.89 10.52 9.83
C ALA A 396 -6.25 9.60 10.84
N MET A 397 -5.46 8.62 10.37
CA MET A 397 -4.88 7.66 11.29
C MET A 397 -3.76 8.29 12.12
N CYS A 398 -3.03 9.23 11.52
CA CYS A 398 -1.95 9.93 12.27
C CYS A 398 -2.55 10.73 13.43
N PHE A 399 -3.53 11.60 13.15
CA PHE A 399 -4.05 12.51 14.22
C PHE A 399 -5.03 11.77 15.15
N SER A 400 -5.34 10.51 14.87
CA SER A 400 -6.19 9.74 15.80
C SER A 400 -5.45 9.59 17.14
N LEU A 401 -4.13 9.74 17.12
CA LEU A 401 -3.29 9.56 18.34
C LEU A 401 -3.48 10.73 19.31
N VAL A 402 -4.00 11.87 18.83
CA VAL A 402 -4.15 13.04 19.68
C VAL A 402 -5.01 12.73 20.91
N ALA A 403 -6.00 11.84 20.76
CA ALA A 403 -6.83 11.44 21.88
C ALA A 403 -6.08 10.59 22.91
N LEU A 404 -4.83 10.20 22.64
CA LEU A 404 -4.01 9.47 23.59
C LEU A 404 -3.48 10.46 24.62
N SER A 405 -4.38 11.25 25.15
CA SER A 405 -4.09 12.32 26.09
C SER A 405 -5.40 12.67 26.76
N ASP A 406 -5.39 13.77 27.50
CA ASP A 406 -6.55 14.35 28.17
C ASP A 406 -7.42 15.19 27.24
N THR A 407 -7.23 15.05 25.94
CA THR A 407 -7.83 15.97 25.00
C THR A 407 -8.53 15.20 23.89
N PRO A 408 -9.79 15.51 23.58
CA PRO A 408 -10.45 14.88 22.43
C PRO A 408 -9.87 15.41 21.12
N VAL A 409 -10.28 14.77 20.03
CA VAL A 409 -9.92 15.29 18.72
C VAL A 409 -11.01 14.87 17.75
N THR A 410 -11.37 15.75 16.83
CA THR A 410 -12.39 15.45 15.85
C THR A 410 -11.72 15.29 14.49
N ILE A 411 -11.91 14.12 13.89
CA ILE A 411 -11.35 13.80 12.59
C ILE A 411 -12.42 14.05 11.54
N LEU A 412 -12.05 14.81 10.51
CA LEU A 412 -12.93 15.11 9.39
C LEU A 412 -12.73 14.11 8.26
N ASP A 413 -13.82 13.80 7.55
CA ASP A 413 -13.84 12.75 6.54
C ASP A 413 -13.22 11.45 7.04
N PRO A 414 -13.70 10.90 8.15
CA PRO A 414 -13.09 9.66 8.69
C PRO A 414 -13.17 8.47 7.74
N LYS A 415 -14.18 8.47 6.85
CA LYS A 415 -14.37 7.33 5.92
C LYS A 415 -13.22 7.27 4.92
N CYS A 416 -12.35 8.30 4.90
CA CYS A 416 -11.16 8.24 4.01
C CYS A 416 -10.30 7.03 4.43
N THR A 417 -10.46 6.57 5.67
CA THR A 417 -9.69 5.40 6.16
C THR A 417 -10.31 4.11 5.59
N ALA A 418 -11.63 4.11 5.36
CA ALA A 418 -12.30 2.89 4.85
C ALA A 418 -11.51 2.36 3.66
N LYS A 419 -10.87 3.26 2.90
CA LYS A 419 -10.04 2.84 1.74
C LYS A 419 -9.11 1.71 2.14
N THR A 420 -8.41 1.85 3.28
CA THR A 420 -7.40 0.83 3.68
C THR A 420 -7.76 0.22 5.04
N PHE A 421 -8.52 0.92 5.87
CA PHE A 421 -8.80 0.42 7.24
C PHE A 421 -10.12 0.99 7.75
N PRO A 422 -11.28 0.46 7.30
CA PRO A 422 -12.58 0.92 7.80
C PRO A 422 -12.74 0.58 9.28
N ASP A 423 -12.19 -0.56 9.71
CA ASP A 423 -12.33 -1.00 11.12
C ASP A 423 -11.23 -0.36 11.98
N TYR A 424 -10.54 0.65 11.44
CA TYR A 424 -9.42 1.28 12.18
C TYR A 424 -9.89 1.79 13.54
N PHE A 425 -10.89 2.66 13.56
CA PHE A 425 -11.35 3.28 14.84
C PHE A 425 -12.02 2.25 15.74
N GLU A 426 -12.81 1.34 15.16
CA GLU A 426 -13.42 0.33 16.01
CA GLU A 426 -13.42 0.35 16.04
C GLU A 426 -12.37 -0.55 16.69
N GLN A 427 -11.32 -0.91 15.95
CA GLN A 427 -10.23 -1.66 16.58
C GLN A 427 -9.46 -0.79 17.56
N LEU A 428 -9.21 0.47 17.17
CA LEU A 428 -8.66 1.44 18.10
C LEU A 428 -9.48 1.48 19.39
N ALA A 429 -10.80 1.48 19.24
CA ALA A 429 -11.73 1.50 20.37
C ALA A 429 -11.61 0.25 21.21
N ARG A 430 -11.52 -0.90 20.56
CA ARG A 430 -11.52 -2.14 21.31
C ARG A 430 -10.33 -2.22 22.25
N ILE A 431 -9.17 -1.69 21.83
CA ILE A 431 -7.99 -1.70 22.68
C ILE A 431 -7.94 -0.49 23.62
N SER A 432 -8.91 0.42 23.54
CA SER A 432 -8.90 1.62 24.37
C SER A 432 -9.69 1.45 25.65
N THR A 433 -9.22 2.13 26.69
CA THR A 433 -9.97 2.37 27.91
C THR A 433 -10.14 3.89 28.00
N LEU A 434 -11.38 4.36 27.87
CA LEU A 434 -11.60 5.79 27.85
C LEU A 434 -11.48 6.39 29.25
N ALA A 435 -10.93 7.59 29.31
CA ALA A 435 -10.86 8.33 30.56
C ALA A 435 -12.27 8.72 31.03
#